data_3KY8
#
_entry.id   3KY8
#
_cell.length_a   72.679
_cell.length_b   72.679
_cell.length_c   156.974
_cell.angle_alpha   90.000
_cell.angle_beta   90.000
_cell.angle_gamma   90.000
#
_symmetry.space_group_name_H-M   'P 43 21 2'
#
loop_
_entity.id
_entity.type
_entity.pdbx_description
1 polymer 'Putative riboflavin biosynthesis protein'
2 non-polymer 'UNKNOWN LIGAND'
3 non-polymer 'SULFATE ION'
4 non-polymer GLYCEROL
5 water water
#
_entity_poly.entity_id   1
_entity_poly.type   'polypeptide(L)'
_entity_poly.pdbx_seq_one_letter_code
;(MSE)GSDKIHHHHHHENLYFQG(MSE)ANIVFIATSLDGYIADKRGKLDWLHSVPNPNNVDTGFVAL(MSE)ERVDGLV
(MSE)GRNTLD(MSE)VLSFDCDWPYSKPVFVLSNT(MSE)TEVPQGYEDKVFLVKGKLVDIIADLNAKGFNELYIDGGV
TIQNFLKEDLIDE(MSE)VITRFPILLGGGVPLFGELESSLSFNVIKSEVVLDSLTQTTYHRKRA
;
_entity_poly.pdbx_strand_id   A,B
#
# COMPACT_ATOMS: atom_id res chain seq x y z
N GLU A 13 0.33 30.13 8.80
CA GLU A 13 -0.76 29.42 9.52
C GLU A 13 -1.89 28.95 8.57
N ASN A 14 -2.13 27.63 8.55
CA ASN A 14 -3.40 27.00 8.07
C ASN A 14 -3.85 27.37 6.69
N LEU A 15 -2.95 27.25 5.72
CA LEU A 15 -3.27 27.61 4.32
C LEU A 15 -4.40 26.74 3.72
N TYR A 16 -4.50 25.47 4.14
CA TYR A 16 -5.56 24.59 3.69
C TYR A 16 -6.95 25.18 3.91
N PHE A 17 -7.20 25.64 5.14
CA PHE A 17 -8.48 26.25 5.53
C PHE A 17 -8.71 27.58 4.83
N GLN A 18 -7.61 28.18 4.38
CA GLN A 18 -7.68 29.38 3.55
C GLN A 18 -7.81 29.06 2.07
N GLY A 19 -7.96 27.78 1.72
CA GLY A 19 -8.24 27.36 0.33
C GLY A 19 -7.09 26.88 -0.55
N ALA A 21 -4.47 23.79 -1.29
CA ALA A 21 -4.38 22.34 -1.08
C ALA A 21 -3.39 21.75 -2.07
N ASN A 22 -2.55 20.85 -1.55
CA ASN A 22 -1.67 19.98 -2.31
C ASN A 22 -2.21 18.55 -2.35
N ILE A 23 -2.52 18.09 -3.55
CA ILE A 23 -3.39 16.91 -3.78
C ILE A 23 -2.63 15.86 -4.60
N VAL A 24 -2.62 14.62 -4.09
CA VAL A 24 -2.07 13.46 -4.79
C VAL A 24 -3.24 12.72 -5.41
N PHE A 25 -3.06 12.30 -6.66
CA PHE A 25 -4.04 11.46 -7.38
C PHE A 25 -3.26 10.47 -8.25
N ILE A 26 -3.17 9.23 -7.80
CA ILE A 26 -2.20 8.31 -8.35
C ILE A 26 -2.65 6.83 -8.29
N ALA A 27 -2.21 6.06 -9.27
CA ALA A 27 -2.49 4.64 -9.32
C ALA A 27 -1.27 3.94 -8.76
N THR A 28 -1.49 2.99 -7.88
CA THR A 28 -0.43 2.16 -7.32
C THR A 28 -0.80 0.67 -7.44
N SER A 29 0.21 -0.17 -7.46
CA SER A 29 0.03 -1.60 -7.28
C SER A 29 -0.31 -1.89 -5.83
N LEU A 30 -0.67 -3.15 -5.57
CA LEU A 30 -1.08 -3.55 -4.24
C LEU A 30 0.07 -3.30 -3.26
N ASP A 31 1.28 -3.58 -3.75
CA ASP A 31 2.53 -3.41 -3.02
C ASP A 31 3.23 -2.05 -3.13
N GLY A 32 2.54 -1.06 -3.66
CA GLY A 32 2.94 0.31 -3.49
C GLY A 32 3.80 0.93 -4.55
N TYR A 33 3.90 0.27 -5.70
CA TYR A 33 4.66 0.77 -6.84
C TYR A 33 3.78 1.54 -7.83
N ILE A 34 4.36 2.58 -8.40
CA ILE A 34 3.69 3.43 -9.37
C ILE A 34 4.19 3.19 -10.81
N ALA A 35 5.32 2.50 -10.96
CA ALA A 35 5.75 1.94 -12.23
C ALA A 35 6.40 0.58 -11.93
N ASP A 36 6.47 -0.30 -12.93
CA ASP A 36 7.14 -1.61 -12.74
C ASP A 36 8.63 -1.46 -12.92
N LYS A 37 9.34 -2.59 -12.85
CA LYS A 37 10.79 -2.53 -12.82
C LYS A 37 11.42 -2.07 -14.15
N ARG A 38 10.61 -1.93 -15.19
CA ARG A 38 11.05 -1.47 -16.49
C ARG A 38 10.62 -0.03 -16.75
N GLY A 39 10.09 0.60 -15.71
CA GLY A 39 9.52 1.91 -15.79
C GLY A 39 8.18 2.00 -16.52
N LYS A 40 7.51 0.88 -16.71
CA LYS A 40 6.26 0.82 -17.49
C LYS A 40 4.97 0.81 -16.68
N LEU A 41 3.86 1.06 -17.38
CA LEU A 41 2.51 1.11 -16.80
C LEU A 41 1.55 0.13 -17.45
N ASP A 42 2.10 -0.92 -18.05
CA ASP A 42 1.28 -1.92 -18.73
C ASP A 42 0.31 -2.61 -17.76
N TRP A 43 0.76 -2.81 -16.53
CA TRP A 43 -0.09 -3.37 -15.46
C TRP A 43 -1.37 -2.58 -15.17
N LEU A 44 -1.41 -1.29 -15.51
CA LEU A 44 -2.65 -0.53 -15.46
C LEU A 44 -3.68 -1.22 -16.34
N HIS A 45 -3.27 -1.88 -17.41
CA HIS A 45 -4.22 -2.63 -18.27
C HIS A 45 -4.60 -4.02 -17.72
N SER A 46 -4.21 -4.35 -16.50
CA SER A 46 -4.54 -5.63 -15.87
C SER A 46 -6.03 -5.70 -15.53
N VAL A 47 -6.66 -4.55 -15.43
CA VAL A 47 -8.08 -4.44 -15.17
C VAL A 47 -8.75 -3.86 -16.43
N PRO A 48 -9.81 -4.51 -16.94
CA PRO A 48 -10.50 -4.02 -18.15
C PRO A 48 -11.26 -2.70 -17.91
N ASN A 49 -11.20 -1.78 -18.87
CA ASN A 49 -12.01 -0.56 -18.85
C ASN A 49 -12.48 -0.30 -20.27
N PRO A 50 -13.27 -1.23 -20.81
CA PRO A 50 -13.70 -1.11 -22.19
C PRO A 50 -14.48 0.16 -22.47
N ASN A 51 -15.31 0.59 -21.52
CA ASN A 51 -16.23 1.71 -21.77
C ASN A 51 -15.63 3.04 -21.39
N ASN A 52 -14.31 3.08 -21.16
CA ASN A 52 -13.58 4.30 -20.89
C ASN A 52 -14.15 5.09 -19.71
N VAL A 53 -14.52 4.38 -18.66
CA VAL A 53 -15.07 5.00 -17.46
C VAL A 53 -14.01 5.89 -16.80
N ASP A 54 -14.45 7.08 -16.41
CA ASP A 54 -13.59 8.07 -15.77
C ASP A 54 -13.61 7.75 -14.28
N THR A 55 -12.46 7.74 -13.65
CA THR A 55 -12.39 7.50 -12.23
C THR A 55 -11.79 8.68 -11.45
N GLY A 56 -12.07 9.91 -11.88
CA GLY A 56 -11.71 11.10 -11.12
C GLY A 56 -10.85 12.13 -11.81
N PHE A 57 -10.18 11.78 -12.92
CA PHE A 57 -9.20 12.69 -13.56
C PHE A 57 -9.78 13.99 -14.13
N VAL A 58 -10.92 13.91 -14.82
CA VAL A 58 -11.51 15.09 -15.42
C VAL A 58 -11.84 16.05 -14.31
N ALA A 59 -12.39 15.57 -13.21
CA ALA A 59 -12.79 16.43 -12.10
C ALA A 59 -11.55 17.02 -11.32
N LEU A 60 -10.53 16.18 -11.11
CA LEU A 60 -9.28 16.66 -10.55
C LEU A 60 -8.76 17.85 -11.38
N GLU A 62 -10.19 19.84 -13.48
CA GLU A 62 -11.04 20.99 -13.46
C GLU A 62 -10.83 21.77 -12.15
N ARG A 63 -10.53 21.04 -11.08
CA ARG A 63 -10.35 21.64 -9.77
C ARG A 63 -8.98 22.29 -9.59
N VAL A 64 -7.95 21.60 -10.02
CA VAL A 64 -6.59 22.10 -9.77
C VAL A 64 -6.20 23.27 -10.67
N ASP A 65 -5.31 24.10 -10.15
CA ASP A 65 -4.80 25.26 -10.87
C ASP A 65 -3.53 24.94 -11.65
N GLY A 66 -2.86 23.85 -11.25
CA GLY A 66 -1.62 23.47 -11.89
C GLY A 66 -1.16 22.18 -11.25
N LEU A 67 -0.06 21.67 -11.76
CA LEU A 67 0.56 20.46 -11.30
C LEU A 67 1.97 20.83 -10.85
N VAL A 68 2.47 20.16 -9.82
CA VAL A 68 3.90 20.20 -9.47
C VAL A 68 4.40 18.77 -9.66
N GLY A 70 7.86 15.98 -10.87
CA GLY A 70 9.34 15.86 -10.95
C GLY A 70 9.80 15.63 -12.37
N ARG A 71 11.13 15.65 -12.59
CA ARG A 71 11.69 15.41 -13.92
C ARG A 71 11.52 13.96 -14.36
N ASN A 72 11.54 13.01 -13.45
CA ASN A 72 11.34 11.63 -13.86
C ASN A 72 9.99 11.42 -14.53
N THR A 73 8.93 12.02 -13.99
CA THR A 73 7.59 11.88 -14.58
C THR A 73 7.57 12.67 -15.88
N LEU A 74 8.12 13.89 -15.88
CA LEU A 74 8.11 14.70 -17.09
C LEU A 74 8.76 13.92 -18.25
N ASP A 75 9.94 13.36 -17.98
CA ASP A 75 10.68 12.63 -19.02
C ASP A 75 9.91 11.45 -19.58
N VAL A 77 6.54 11.41 -19.66
CA VAL A 77 5.35 11.93 -20.36
C VAL A 77 5.82 12.51 -21.69
N LEU A 78 6.85 13.36 -21.68
CA LEU A 78 7.39 13.93 -22.91
C LEU A 78 7.83 12.79 -23.79
N SER A 79 7.37 12.81 -25.03
CA SER A 79 7.81 11.88 -26.03
C SER A 79 7.48 12.49 -27.40
N PHE A 80 8.07 11.92 -28.43
CA PHE A 80 7.76 12.36 -29.79
C PHE A 80 6.33 12.06 -30.18
N ASP A 81 5.79 10.94 -29.69
CA ASP A 81 4.46 10.43 -30.05
C ASP A 81 3.37 10.81 -29.02
N CYS A 82 3.55 11.94 -28.32
CA CYS A 82 2.79 12.34 -27.08
C CYS A 82 1.61 13.27 -27.33
N ASP A 83 0.47 12.95 -26.77
CA ASP A 83 -0.60 13.94 -26.76
C ASP A 83 -0.64 14.44 -25.33
N TRP A 84 -0.18 15.69 -25.14
CA TRP A 84 -0.08 16.27 -23.82
C TRP A 84 -1.41 16.15 -23.11
N PRO A 85 -1.43 15.50 -21.94
CA PRO A 85 -2.72 15.23 -21.32
C PRO A 85 -3.27 16.24 -20.35
N TYR A 86 -2.53 17.33 -20.10
CA TYR A 86 -2.88 18.32 -19.05
C TYR A 86 -3.36 19.64 -19.59
N SER A 87 -4.51 20.07 -19.09
CA SER A 87 -5.13 21.33 -19.46
C SER A 87 -4.68 22.50 -18.58
N LYS A 88 -3.85 22.24 -17.58
CA LYS A 88 -3.40 23.25 -16.64
C LYS A 88 -1.87 23.26 -16.67
N PRO A 89 -1.23 24.34 -16.23
CA PRO A 89 0.22 24.37 -16.26
C PRO A 89 0.87 23.30 -15.42
N VAL A 90 2.00 22.80 -15.90
CA VAL A 90 2.82 21.85 -15.14
C VAL A 90 4.07 22.59 -14.70
N PHE A 91 4.23 22.73 -13.39
CA PHE A 91 5.42 23.30 -12.81
C PHE A 91 6.37 22.17 -12.48
N VAL A 92 7.59 22.25 -12.97
CA VAL A 92 8.53 21.16 -12.86
C VAL A 92 9.66 21.57 -11.98
N LEU A 93 9.86 20.72 -10.97
CA LEU A 93 10.88 20.89 -9.94
C LEU A 93 12.17 20.28 -10.44
N SER A 94 13.05 21.15 -10.88
CA SER A 94 14.39 20.69 -11.21
C SER A 94 15.34 21.79 -10.78
N ASN A 95 16.31 21.32 -10.00
CA ASN A 95 17.53 22.01 -9.77
C ASN A 95 18.41 21.75 -11.01
N THR A 96 18.31 20.54 -11.57
CA THR A 96 19.12 20.11 -12.74
C THR A 96 18.74 20.75 -14.13
N THR A 98 17.63 23.38 -17.00
CA THR A 98 17.86 24.80 -17.30
C THR A 98 16.81 25.39 -18.27
N GLU A 99 16.19 24.56 -19.10
CA GLU A 99 15.27 25.06 -20.13
C GLU A 99 14.24 24.02 -20.62
N VAL A 100 13.06 24.52 -21.00
CA VAL A 100 11.96 23.64 -21.32
C VAL A 100 12.09 23.30 -22.81
N PRO A 101 11.91 22.00 -23.18
CA PRO A 101 12.11 21.59 -24.59
C PRO A 101 11.17 22.26 -25.57
N GLN A 102 11.60 22.37 -26.82
CA GLN A 102 10.78 22.92 -27.90
C GLN A 102 9.42 22.19 -27.94
N GLY A 103 8.36 22.99 -28.03
CA GLY A 103 7.01 22.46 -28.11
C GLY A 103 6.29 22.47 -26.77
N TYR A 104 7.04 22.69 -25.69
CA TYR A 104 6.49 22.58 -24.36
C TYR A 104 6.69 23.85 -23.52
N GLU A 105 7.14 24.94 -24.13
CA GLU A 105 7.36 26.22 -23.42
C GLU A 105 6.08 26.92 -22.91
N ASP A 106 4.95 26.65 -23.51
CA ASP A 106 3.70 27.13 -22.94
C ASP A 106 2.91 26.03 -22.17
N LYS A 107 3.56 24.89 -21.91
CA LYS A 107 2.95 23.78 -21.19
C LYS A 107 3.62 23.47 -19.85
N VAL A 108 4.91 23.76 -19.76
CA VAL A 108 5.77 23.32 -18.67
C VAL A 108 6.56 24.51 -18.21
N PHE A 109 6.58 24.75 -16.91
CA PHE A 109 7.25 25.94 -16.34
C PHE A 109 8.18 25.53 -15.19
N LEU A 110 9.42 25.99 -15.27
CA LEU A 110 10.41 25.59 -14.30
C LEU A 110 10.25 26.33 -13.01
N VAL A 111 10.31 25.61 -11.89
CA VAL A 111 10.39 26.24 -10.57
C VAL A 111 11.61 25.67 -9.78
N LYS A 112 12.22 26.54 -9.00
CA LYS A 112 13.47 26.26 -8.27
C LYS A 112 13.37 26.81 -6.83
N GLY A 113 13.94 26.09 -5.87
CA GLY A 113 14.13 26.61 -4.50
C GLY A 113 13.59 25.65 -3.46
N LYS A 114 13.29 26.18 -2.28
CA LYS A 114 12.68 25.41 -1.21
C LYS A 114 11.20 25.22 -1.52
N LEU A 115 10.70 24.02 -1.26
CA LEU A 115 9.30 23.70 -1.55
C LEU A 115 8.39 24.74 -0.92
N VAL A 116 8.64 25.12 0.32
CA VAL A 116 7.73 26.02 1.02
C VAL A 116 7.63 27.37 0.27
N ASP A 117 8.78 27.89 -0.14
CA ASP A 117 8.90 29.09 -0.97
C ASP A 117 8.22 28.94 -2.34
N ILE A 118 8.44 27.81 -3.02
CA ILE A 118 7.86 27.54 -4.34
C ILE A 118 6.37 27.56 -4.21
N ILE A 119 5.84 26.91 -3.15
CA ILE A 119 4.41 26.87 -2.92
C ILE A 119 3.87 28.26 -2.57
N ALA A 120 4.58 29.00 -1.73
CA ALA A 120 4.13 30.34 -1.36
C ALA A 120 4.01 31.20 -2.60
N ASP A 121 4.99 31.04 -3.48
CA ASP A 121 5.03 31.82 -4.69
C ASP A 121 3.91 31.47 -5.67
N LEU A 122 3.70 30.18 -5.96
CA LEU A 122 2.55 29.76 -6.77
C LEU A 122 1.20 30.22 -6.18
N ASN A 123 1.01 30.02 -4.87
CA ASN A 123 -0.25 30.41 -4.21
C ASN A 123 -0.51 31.92 -4.35
N ALA A 124 0.56 32.73 -4.20
CA ALA A 124 0.47 34.18 -4.32
C ALA A 124 0.01 34.59 -5.72
N LYS A 125 0.40 33.80 -6.70
CA LYS A 125 -0.02 34.03 -8.09
C LYS A 125 -1.36 33.43 -8.46
N GLY A 126 -2.03 32.78 -7.50
CA GLY A 126 -3.36 32.23 -7.71
C GLY A 126 -3.43 30.76 -8.06
N PHE A 127 -2.30 30.06 -7.97
CA PHE A 127 -2.22 28.61 -8.14
C PHE A 127 -2.27 28.00 -6.73
N ASN A 128 -3.47 27.82 -6.25
CA ASN A 128 -3.75 27.50 -4.86
C ASN A 128 -4.01 26.02 -4.67
N GLU A 129 -4.66 25.41 -5.65
CA GLU A 129 -4.93 23.97 -5.66
C GLU A 129 -3.99 23.29 -6.66
N LEU A 130 -3.05 22.51 -6.12
CA LEU A 130 -1.98 21.93 -6.90
C LEU A 130 -2.05 20.43 -6.88
N TYR A 131 -1.91 19.84 -8.05
CA TYR A 131 -1.87 18.39 -8.26
C TYR A 131 -0.39 17.94 -8.22
N ILE A 132 0.01 17.37 -7.09
CA ILE A 132 1.39 16.97 -6.88
C ILE A 132 1.58 15.55 -7.44
N ASP A 133 2.50 15.39 -8.39
CA ASP A 133 2.69 14.12 -9.10
C ASP A 133 4.16 13.72 -9.19
N GLY A 134 4.41 12.42 -9.16
CA GLY A 134 5.76 11.91 -9.19
C GLY A 134 6.15 11.43 -7.82
N GLY A 135 6.78 10.26 -7.78
CA GLY A 135 7.20 9.62 -6.54
C GLY A 135 8.19 10.40 -5.70
N VAL A 136 9.25 10.89 -6.32
CA VAL A 136 10.23 11.66 -5.59
C VAL A 136 9.61 12.96 -5.10
N THR A 137 8.78 13.59 -5.92
CA THR A 137 8.15 14.86 -5.57
C THR A 137 7.19 14.68 -4.44
N ILE A 138 6.32 13.69 -4.54
CA ILE A 138 5.37 13.35 -3.47
C ILE A 138 6.12 13.03 -2.17
N GLN A 139 7.15 12.20 -2.28
CA GLN A 139 7.97 11.84 -1.12
C GLN A 139 8.54 13.08 -0.46
N ASN A 140 9.04 14.00 -1.28
CA ASN A 140 9.61 15.25 -0.77
C ASN A 140 8.60 16.18 -0.11
N PHE A 141 7.42 16.31 -0.71
CA PHE A 141 6.28 16.99 -0.07
C PHE A 141 5.91 16.40 1.31
N LEU A 142 5.78 15.08 1.37
CA LEU A 142 5.49 14.35 2.60
C LEU A 142 6.55 14.54 3.67
N LYS A 143 7.84 14.61 3.28
CA LYS A 143 8.95 14.87 4.24
C LYS A 143 8.85 16.25 4.87
N GLU A 144 8.08 17.17 4.29
CA GLU A 144 7.82 18.47 4.92
C GLU A 144 6.36 18.65 5.35
N ASP A 145 5.62 17.55 5.26
CA ASP A 145 4.22 17.47 5.65
C ASP A 145 3.39 18.45 4.85
N LEU A 146 3.54 18.41 3.52
CA LEU A 146 2.89 19.39 2.68
C LEU A 146 1.75 18.81 1.89
N ILE A 147 1.44 17.52 2.06
CA ILE A 147 0.31 16.90 1.34
C ILE A 147 -0.98 16.99 2.17
N ASP A 148 -2.01 17.59 1.58
CA ASP A 148 -3.32 17.74 2.25
C ASP A 148 -4.31 16.63 1.93
N GLU A 149 -4.28 16.13 0.70
CA GLU A 149 -5.21 15.09 0.26
C GLU A 149 -4.51 14.12 -0.63
N VAL A 151 -5.72 10.75 -3.24
CA VAL A 151 -6.68 9.79 -3.79
C VAL A 151 -5.82 8.69 -4.42
N ILE A 152 -5.95 7.48 -3.89
CA ILE A 152 -5.11 6.37 -4.31
C ILE A 152 -6.00 5.31 -4.89
N THR A 153 -5.72 4.93 -6.14
CA THR A 153 -6.40 3.85 -6.83
C THR A 153 -5.49 2.66 -6.83
N ARG A 154 -5.88 1.65 -6.06
CA ARG A 154 -5.03 0.51 -5.84
C ARG A 154 -5.42 -0.70 -6.68
N PHE A 155 -4.45 -1.20 -7.43
CA PHE A 155 -4.68 -2.29 -8.38
C PHE A 155 -4.33 -3.62 -7.71
N PRO A 156 -5.12 -4.67 -7.98
CA PRO A 156 -4.98 -5.94 -7.31
C PRO A 156 -3.84 -6.78 -7.89
N ILE A 157 -2.65 -6.16 -7.98
CA ILE A 157 -1.49 -6.84 -8.54
C ILE A 157 -0.27 -6.61 -7.66
N LEU A 158 0.49 -7.67 -7.37
CA LEU A 158 1.81 -7.54 -6.72
C LEU A 158 2.86 -7.47 -7.83
N LEU A 159 3.49 -6.32 -7.97
CA LEU A 159 4.56 -6.16 -8.98
C LEU A 159 5.88 -6.72 -8.53
N GLY A 160 6.17 -6.66 -7.24
CA GLY A 160 7.40 -7.21 -6.68
C GLY A 160 8.68 -6.45 -6.94
N GLY A 161 8.52 -5.19 -7.34
CA GLY A 161 9.62 -4.30 -7.71
C GLY A 161 9.10 -3.21 -8.60
N GLY A 162 9.86 -2.13 -8.73
CA GLY A 162 9.44 -0.97 -9.53
C GLY A 162 9.80 0.33 -8.83
N VAL A 163 9.03 1.37 -9.14
CA VAL A 163 9.19 2.72 -8.61
C VAL A 163 8.18 2.86 -7.47
N PRO A 164 8.65 3.02 -6.22
CA PRO A 164 7.77 3.17 -5.05
C PRO A 164 7.03 4.49 -5.01
N LEU A 165 5.77 4.46 -4.58
CA LEU A 165 5.06 5.68 -4.23
C LEU A 165 5.65 6.33 -2.97
N PHE A 166 5.84 5.55 -1.90
CA PHE A 166 6.21 6.17 -0.64
C PHE A 166 7.65 5.90 -0.27
N GLY A 167 8.18 6.76 0.61
CA GLY A 167 9.53 6.63 1.08
C GLY A 167 9.55 6.72 2.58
N GLU A 168 10.60 7.36 3.08
CA GLU A 168 10.83 7.48 4.51
C GLU A 168 10.39 8.83 5.06
N LEU A 169 10.15 8.83 6.38
CA LEU A 169 9.67 9.98 7.11
C LEU A 169 10.24 10.05 8.49
N GLU A 170 10.38 11.27 8.98
CA GLU A 170 10.82 11.53 10.33
C GLU A 170 9.85 10.97 11.36
N SER A 171 8.54 11.14 11.11
CA SER A 171 7.49 10.65 12.01
C SER A 171 6.28 10.24 11.18
N SER A 172 5.45 9.39 11.78
CA SER A 172 4.24 8.93 11.13
C SER A 172 3.35 10.14 10.87
N LEU A 173 2.59 10.05 9.77
CA LEU A 173 1.63 11.04 9.33
C LEU A 173 0.28 10.36 9.21
N SER A 174 -0.69 10.85 9.98
CA SER A 174 -2.04 10.32 10.06
C SER A 174 -3.00 11.04 9.15
N PHE A 175 -3.95 10.26 8.60
CA PHE A 175 -4.97 10.76 7.67
C PHE A 175 -6.35 10.26 8.09
N ASN A 176 -7.39 10.93 7.61
CA ASN A 176 -8.77 10.50 7.73
C ASN A 176 -9.18 9.81 6.44
N VAL A 177 -10.06 8.81 6.52
CA VAL A 177 -10.68 8.22 5.31
C VAL A 177 -11.97 8.95 5.05
N ILE A 178 -12.03 9.65 3.93
CA ILE A 178 -13.20 10.43 3.52
C ILE A 178 -14.13 9.49 2.74
N LYS A 179 -13.55 8.60 1.94
CA LYS A 179 -14.31 7.76 1.06
C LYS A 179 -13.43 6.60 0.60
N SER A 180 -14.06 5.45 0.42
CA SER A 180 -13.44 4.32 -0.23
C SER A 180 -14.51 3.58 -0.98
N GLU A 181 -14.25 3.25 -2.23
CA GLU A 181 -15.19 2.51 -3.04
C GLU A 181 -14.46 1.63 -4.03
N VAL A 182 -15.13 0.58 -4.47
CA VAL A 182 -14.65 -0.23 -5.56
C VAL A 182 -15.10 0.48 -6.85
N VAL A 183 -14.14 0.71 -7.76
CA VAL A 183 -14.37 1.31 -9.08
C VAL A 183 -13.96 0.26 -10.13
N LEU A 184 -14.65 0.24 -11.26
CA LEU A 184 -14.32 -0.70 -12.39
C LEU A 184 -14.34 -2.17 -11.98
N ASP A 185 -15.08 -2.48 -10.93
CA ASP A 185 -15.13 -3.85 -10.39
C ASP A 185 -13.89 -4.42 -9.71
N SER A 186 -12.67 -4.06 -10.10
CA SER A 186 -11.55 -4.64 -9.36
C SER A 186 -10.52 -3.68 -8.87
N LEU A 187 -10.89 -2.42 -8.67
CA LEU A 187 -9.96 -1.43 -8.13
C LEU A 187 -10.58 -0.85 -6.90
N THR A 188 -9.75 -0.53 -5.91
CA THR A 188 -10.22 0.25 -4.78
C THR A 188 -9.70 1.62 -5.00
N GLN A 189 -10.54 2.62 -4.73
CA GLN A 189 -10.16 4.02 -4.77
C GLN A 189 -10.52 4.65 -3.42
N THR A 190 -9.51 5.07 -2.67
CA THR A 190 -9.66 5.63 -1.37
C THR A 190 -9.12 7.06 -1.30
N THR A 191 -9.90 7.92 -0.66
CA THR A 191 -9.58 9.33 -0.52
C THR A 191 -9.23 9.60 0.94
N TYR A 192 -7.98 10.05 1.15
CA TYR A 192 -7.44 10.41 2.42
C TYR A 192 -7.24 11.94 2.54
N HIS A 193 -7.65 12.50 3.66
CA HIS A 193 -7.27 13.87 4.07
C HIS A 193 -6.34 13.80 5.29
N ARG A 194 -5.29 14.62 5.26
CA ARG A 194 -4.35 14.70 6.36
C ARG A 194 -5.09 15.15 7.64
N LYS A 195 -4.85 14.45 8.74
CA LYS A 195 -5.45 14.82 10.03
C LYS A 195 -4.97 16.16 10.59
N ARG A 196 -5.90 17.10 10.78
CA ARG A 196 -5.68 18.27 11.65
C ARG A 196 -6.09 17.98 13.11
N ALA B 21 -7.03 -23.86 1.07
CA ALA B 21 -6.66 -22.47 0.81
C ALA B 21 -5.59 -21.99 1.80
N ASN B 22 -4.65 -21.17 1.30
CA ASN B 22 -3.68 -20.48 2.12
C ASN B 22 -4.06 -18.99 2.17
N ILE B 23 -4.33 -18.51 3.38
CA ILE B 23 -5.00 -17.22 3.58
C ILE B 23 -4.12 -16.29 4.43
N VAL B 24 -3.92 -15.06 3.94
CA VAL B 24 -3.27 -13.97 4.68
C VAL B 24 -4.37 -13.11 5.30
N PHE B 25 -4.21 -12.76 6.55
CA PHE B 25 -5.17 -11.87 7.20
C PHE B 25 -4.33 -10.94 8.07
N ILE B 26 -4.11 -9.72 7.65
CA ILE B 26 -3.07 -8.90 8.28
C ILE B 26 -3.43 -7.43 8.20
N ALA B 27 -2.93 -6.65 9.15
CA ALA B 27 -3.10 -5.18 9.14
C ALA B 27 -1.81 -4.53 8.66
N THR B 28 -1.98 -3.48 7.86
CA THR B 28 -0.86 -2.78 7.27
C THR B 28 -1.09 -1.29 7.37
N SER B 29 0.00 -0.53 7.49
CA SER B 29 -0.05 0.92 7.30
C SER B 29 -0.34 1.21 5.82
N LEU B 30 -0.68 2.47 5.54
CA LEU B 30 -0.95 2.95 4.19
C LEU B 30 0.26 2.68 3.25
N ASP B 31 1.46 2.90 3.79
CA ASP B 31 2.73 2.60 3.09
C ASP B 31 3.23 1.15 3.18
N GLY B 32 2.38 0.23 3.62
CA GLY B 32 2.69 -1.17 3.52
C GLY B 32 3.57 -1.79 4.59
N TYR B 33 3.62 -1.19 5.77
CA TYR B 33 4.34 -1.81 6.87
C TYR B 33 3.44 -2.59 7.85
N ILE B 34 3.98 -3.69 8.38
CA ILE B 34 3.28 -4.51 9.39
C ILE B 34 3.78 -4.29 10.83
N ALA B 35 4.90 -3.59 10.99
CA ALA B 35 5.35 -3.04 12.27
C ALA B 35 6.08 -1.70 12.00
N ASP B 36 6.18 -0.83 12.98
CA ASP B 36 6.76 0.49 12.75
C ASP B 36 8.30 0.43 12.76
N LYS B 37 8.95 1.58 12.59
CA LYS B 37 10.42 1.65 12.52
C LYS B 37 11.14 1.16 13.76
N ARG B 38 10.41 0.95 14.86
CA ARG B 38 10.97 0.46 16.12
C ARG B 38 10.56 -0.98 16.43
N GLY B 39 9.88 -1.63 15.50
CA GLY B 39 9.34 -2.99 15.72
C GLY B 39 7.97 -2.97 16.41
N LYS B 40 7.37 -1.80 16.58
CA LYS B 40 6.23 -1.70 17.48
C LYS B 40 4.86 -1.64 16.75
N LEU B 41 3.79 -1.86 17.52
CA LEU B 41 2.45 -2.04 16.97
C LEU B 41 1.46 -1.07 17.53
N ASP B 42 1.96 0.02 18.12
CA ASP B 42 1.09 1.01 18.75
C ASP B 42 0.08 1.63 17.81
N TRP B 43 0.47 1.78 16.55
CA TRP B 43 -0.33 2.42 15.54
C TRP B 43 -1.58 1.60 15.27
N LEU B 44 -1.57 0.33 15.65
CA LEU B 44 -2.78 -0.48 15.63
C LEU B 44 -3.89 -0.03 16.60
N HIS B 45 -3.51 0.61 17.70
CA HIS B 45 -4.50 1.13 18.67
C HIS B 45 -4.73 2.61 18.41
N SER B 46 -4.54 3.05 17.18
CA SER B 46 -4.78 4.43 16.81
C SER B 46 -6.18 4.61 16.24
N VAL B 47 -6.97 3.54 16.20
CA VAL B 47 -8.33 3.63 15.66
C VAL B 47 -9.20 3.02 16.72
N PRO B 48 -10.16 3.80 17.23
CA PRO B 48 -10.88 3.36 18.41
C PRO B 48 -11.85 2.20 18.13
N ASN B 49 -12.07 1.36 19.14
CA ASN B 49 -12.92 0.18 18.98
C ASN B 49 -13.51 -0.15 20.33
N PRO B 50 -14.28 0.81 20.86
CA PRO B 50 -14.78 0.74 22.21
C PRO B 50 -15.70 -0.47 22.47
N ASN B 51 -16.29 -1.00 21.41
CA ASN B 51 -17.23 -2.10 21.53
C ASN B 51 -16.56 -3.44 21.23
N ASN B 52 -15.25 -3.43 21.00
CA ASN B 52 -14.47 -4.64 20.63
C ASN B 52 -15.07 -5.43 19.47
N VAL B 53 -15.26 -4.71 18.37
CA VAL B 53 -15.85 -5.28 17.18
C VAL B 53 -14.82 -6.25 16.56
N ASP B 54 -15.30 -7.42 16.14
CA ASP B 54 -14.50 -8.37 15.35
C ASP B 54 -14.44 -7.89 13.91
N THR B 55 -13.25 -7.87 13.35
CA THR B 55 -13.07 -7.46 11.97
C THR B 55 -12.58 -8.64 11.13
N GLY B 56 -12.89 -9.86 11.60
CA GLY B 56 -12.74 -11.08 10.81
C GLY B 56 -11.95 -12.17 11.50
N PHE B 57 -11.18 -11.82 12.52
CA PHE B 57 -10.28 -12.79 13.17
C PHE B 57 -10.98 -14.03 13.73
N VAL B 58 -12.11 -13.84 14.40
CA VAL B 58 -12.84 -14.92 15.05
C VAL B 58 -13.40 -15.86 13.98
N ALA B 59 -14.07 -15.32 12.97
CA ALA B 59 -14.58 -16.15 11.87
C ALA B 59 -13.43 -16.84 11.13
N LEU B 60 -12.29 -16.18 10.98
CA LEU B 60 -11.12 -16.79 10.33
C LEU B 60 -10.60 -17.99 11.10
N GLU B 62 -12.16 -19.92 13.20
CA GLU B 62 -13.19 -20.94 13.06
C GLU B 62 -13.01 -21.73 11.77
N ARG B 63 -12.74 -21.00 10.67
CA ARG B 63 -12.58 -21.58 9.34
C ARG B 63 -11.32 -22.44 9.18
N VAL B 64 -10.19 -21.94 9.68
CA VAL B 64 -8.91 -22.51 9.32
C VAL B 64 -8.66 -23.73 10.16
N ASP B 65 -7.78 -24.58 9.66
CA ASP B 65 -7.33 -25.79 10.37
C ASP B 65 -6.09 -25.55 11.18
N GLY B 66 -5.34 -24.49 10.88
CA GLY B 66 -4.07 -24.20 11.57
C GLY B 66 -3.46 -22.93 11.03
N LEU B 67 -2.34 -22.53 11.64
CA LEU B 67 -1.53 -21.43 11.17
C LEU B 67 -0.15 -21.91 10.73
N VAL B 68 0.38 -21.23 9.71
CA VAL B 68 1.82 -21.25 9.37
C VAL B 68 2.40 -19.84 9.57
N GLY B 70 6.38 -17.70 11.10
CA GLY B 70 7.82 -17.90 11.32
C GLY B 70 8.25 -17.48 12.73
N ARG B 71 9.56 -17.43 12.94
CA ARG B 71 10.16 -17.12 14.23
C ARG B 71 9.80 -15.71 14.68
N ASN B 72 9.70 -14.77 13.74
CA ASN B 72 9.44 -13.38 14.08
C ASN B 72 8.07 -13.17 14.66
N THR B 73 7.06 -13.83 14.09
CA THR B 73 5.68 -13.68 14.58
C THR B 73 5.52 -14.46 15.91
N LEU B 74 6.18 -15.61 16.04
CA LEU B 74 6.12 -16.40 17.28
C LEU B 74 6.59 -15.54 18.43
N ASP B 75 7.81 -15.04 18.30
CA ASP B 75 8.42 -14.17 19.29
C ASP B 75 7.61 -12.89 19.62
N VAL B 77 4.25 -12.57 19.30
CA VAL B 77 3.09 -13.05 20.09
C VAL B 77 3.51 -13.34 21.54
N LEU B 78 4.57 -14.10 21.71
CA LEU B 78 5.06 -14.38 23.04
C LEU B 78 5.42 -13.07 23.77
N SER B 79 5.86 -12.06 23.04
CA SER B 79 6.22 -10.74 23.66
C SER B 79 5.04 -9.96 24.26
N PHE B 80 3.81 -10.28 23.85
CA PHE B 80 2.63 -9.59 24.36
C PHE B 80 2.25 -9.96 25.77
N ASP B 81 2.82 -11.03 26.28
CA ASP B 81 2.54 -11.44 27.62
C ASP B 81 1.03 -11.47 27.84
N CYS B 82 0.35 -12.28 27.03
CA CYS B 82 -1.06 -12.50 27.15
C CYS B 82 -1.39 -13.98 26.87
N ASP B 83 -2.65 -14.33 27.04
CA ASP B 83 -3.10 -15.68 26.79
C ASP B 83 -2.92 -16.03 25.34
N TRP B 84 -2.49 -17.26 25.08
CA TRP B 84 -2.38 -17.76 23.71
C TRP B 84 -3.68 -17.40 22.94
N PRO B 85 -3.57 -16.66 21.84
CA PRO B 85 -4.79 -16.22 21.13
C PRO B 85 -5.35 -17.19 20.08
N TYR B 86 -4.68 -18.31 19.87
CA TYR B 86 -5.03 -19.19 18.76
C TYR B 86 -5.74 -20.46 19.24
N SER B 87 -6.93 -20.69 18.69
CA SER B 87 -7.70 -21.90 18.99
C SER B 87 -7.25 -23.10 18.18
N LYS B 88 -6.38 -22.90 17.19
CA LYS B 88 -5.99 -23.97 16.25
C LYS B 88 -4.47 -24.11 16.33
N PRO B 89 -3.92 -25.28 15.93
CA PRO B 89 -2.46 -25.49 15.95
C PRO B 89 -1.69 -24.48 15.12
N VAL B 90 -0.50 -24.13 15.60
CA VAL B 90 0.36 -23.20 14.94
C VAL B 90 1.59 -23.95 14.54
N PHE B 91 1.80 -23.98 13.23
CA PHE B 91 3.04 -24.50 12.63
C PHE B 91 4.01 -23.38 12.37
N VAL B 92 5.20 -23.49 12.96
CA VAL B 92 6.27 -22.55 12.72
C VAL B 92 7.21 -23.15 11.70
N LEU B 93 7.28 -22.46 10.56
CA LEU B 93 8.18 -22.77 9.46
C LEU B 93 9.58 -22.25 9.83
N SER B 94 10.52 -23.13 10.12
CA SER B 94 11.87 -22.72 10.45
C SER B 94 12.87 -23.81 10.12
N ASN B 95 13.98 -23.46 9.46
CA ASN B 95 15.06 -24.38 9.18
C ASN B 95 16.24 -24.27 10.16
N THR B 96 16.04 -23.49 11.23
CA THR B 96 17.03 -23.38 12.31
C THR B 96 16.46 -23.84 13.66
N THR B 98 14.93 -25.90 16.49
CA THR B 98 14.65 -27.33 16.76
C THR B 98 13.72 -27.55 17.94
N GLU B 99 13.64 -26.61 18.88
CA GLU B 99 12.70 -26.78 19.96
C GLU B 99 11.75 -25.63 20.15
N VAL B 100 10.56 -26.00 20.56
CA VAL B 100 9.45 -25.10 20.76
C VAL B 100 9.56 -24.47 22.16
N PRO B 101 9.09 -23.22 22.34
CA PRO B 101 9.12 -22.63 23.71
C PRO B 101 8.39 -23.47 24.78
N GLN B 102 9.00 -23.59 25.94
CA GLN B 102 8.43 -24.35 27.01
C GLN B 102 7.04 -23.87 27.35
N GLY B 103 6.11 -24.79 27.57
CA GLY B 103 4.70 -24.45 27.76
C GLY B 103 3.84 -24.48 26.49
N TYR B 104 4.48 -24.44 25.33
CA TYR B 104 3.75 -24.35 24.05
C TYR B 104 3.80 -25.64 23.22
N GLU B 105 4.14 -26.75 23.88
CA GLU B 105 4.31 -28.08 23.26
C GLU B 105 3.02 -28.68 22.71
N ASP B 106 1.89 -28.26 23.27
CA ASP B 106 0.58 -28.67 22.80
C ASP B 106 -0.04 -27.69 21.79
N LYS B 107 0.71 -26.64 21.45
CA LYS B 107 0.19 -25.50 20.70
C LYS B 107 0.98 -25.11 19.46
N VAL B 108 2.29 -25.41 19.46
CA VAL B 108 3.23 -24.94 18.47
C VAL B 108 4.08 -26.11 18.02
N PHE B 109 4.16 -26.28 16.71
CA PHE B 109 4.87 -27.39 16.08
C PHE B 109 5.78 -26.83 15.00
N LEU B 110 7.00 -27.35 14.95
CA LEU B 110 7.99 -26.91 13.95
C LEU B 110 7.84 -27.72 12.69
N VAL B 111 7.92 -27.05 11.55
CA VAL B 111 7.97 -27.67 10.24
C VAL B 111 9.23 -27.17 9.48
N LYS B 112 9.99 -28.10 8.90
CA LYS B 112 11.30 -27.86 8.21
C LYS B 112 11.16 -28.23 6.73
N GLY B 113 11.87 -27.50 5.85
CA GLY B 113 12.14 -27.93 4.48
C GLY B 113 11.48 -27.17 3.37
N LYS B 114 11.29 -27.80 2.21
CA LYS B 114 10.71 -27.11 1.06
C LYS B 114 9.22 -26.82 1.32
N LEU B 115 8.80 -25.60 0.97
CA LEU B 115 7.43 -25.17 1.21
C LEU B 115 6.39 -26.07 0.60
N VAL B 116 6.57 -26.39 -0.68
CA VAL B 116 5.60 -27.20 -1.42
C VAL B 116 5.41 -28.54 -0.72
N ASP B 117 6.52 -29.04 -0.15
CA ASP B 117 6.50 -30.28 0.58
C ASP B 117 5.76 -30.14 1.90
N ILE B 118 6.09 -29.08 2.65
CA ILE B 118 5.44 -28.77 3.92
C ILE B 118 3.93 -28.66 3.72
N ILE B 119 3.50 -27.90 2.73
CA ILE B 119 2.04 -27.78 2.46
C ILE B 119 1.44 -29.11 2.08
N ALA B 120 2.17 -29.90 1.30
CA ALA B 120 1.64 -31.16 0.83
C ALA B 120 1.42 -32.06 2.05
N ASP B 121 2.40 -32.07 2.95
N ASP B 121 2.42 -32.08 2.94
CA ASP B 121 2.35 -32.94 4.11
CA ASP B 121 2.40 -32.86 4.19
C ASP B 121 1.22 -32.53 5.07
C ASP B 121 1.16 -32.50 4.99
N LEU B 122 1.04 -31.22 5.27
CA LEU B 122 -0.03 -30.70 6.13
C LEU B 122 -1.40 -30.99 5.55
N ASN B 123 -1.59 -30.68 4.27
CA ASN B 123 -2.88 -30.98 3.61
C ASN B 123 -3.25 -32.45 3.74
N ALA B 124 -2.26 -33.32 3.50
CA ALA B 124 -2.45 -34.77 3.59
C ALA B 124 -2.92 -35.18 4.97
N LYS B 125 -2.48 -34.46 6.01
CA LYS B 125 -2.93 -34.70 7.38
C LYS B 125 -4.22 -33.95 7.71
N GLY B 126 -4.85 -33.35 6.70
CA GLY B 126 -6.15 -32.73 6.90
C GLY B 126 -6.05 -31.25 7.21
N PHE B 127 -4.85 -30.70 7.19
CA PHE B 127 -4.62 -29.28 7.43
C PHE B 127 -4.63 -28.56 6.07
N ASN B 128 -5.84 -28.21 5.66
CA ASN B 128 -6.14 -27.82 4.30
C ASN B 128 -6.39 -26.32 4.13
N GLU B 129 -6.96 -25.72 5.18
CA GLU B 129 -7.15 -24.29 5.19
C GLU B 129 -6.22 -23.74 6.20
N LEU B 130 -5.26 -22.96 5.72
CA LEU B 130 -4.20 -22.49 6.56
C LEU B 130 -4.08 -20.97 6.53
N TYR B 131 -3.93 -20.41 7.73
CA TYR B 131 -3.73 -18.98 7.93
C TYR B 131 -2.23 -18.72 7.98
N ILE B 132 -1.72 -18.02 6.95
CA ILE B 132 -0.29 -17.73 6.80
C ILE B 132 -0.01 -16.33 7.34
N ASP B 133 0.90 -16.24 8.30
CA ASP B 133 1.19 -14.99 8.99
C ASP B 133 2.71 -14.81 9.08
N GLY B 134 3.14 -13.56 9.22
CA GLY B 134 4.55 -13.21 9.22
C GLY B 134 5.03 -12.69 7.90
N GLY B 135 5.67 -11.53 7.93
CA GLY B 135 6.29 -10.93 6.75
C GLY B 135 7.14 -11.93 6.00
N VAL B 136 8.09 -12.57 6.69
CA VAL B 136 9.06 -13.41 5.97
C VAL B 136 8.33 -14.65 5.41
N THR B 137 7.41 -15.22 6.18
CA THR B 137 6.63 -16.38 5.72
C THR B 137 5.70 -16.02 4.53
N ILE B 138 4.91 -14.95 4.64
CA ILE B 138 4.03 -14.54 3.55
C ILE B 138 4.87 -14.36 2.27
N GLN B 139 6.01 -13.68 2.41
CA GLN B 139 6.86 -13.41 1.28
C GLN B 139 7.33 -14.70 0.62
N ASN B 140 7.64 -15.71 1.42
CA ASN B 140 8.13 -16.96 0.89
C ASN B 140 7.03 -17.73 0.18
N PHE B 141 5.81 -17.68 0.71
CA PHE B 141 4.66 -18.27 0.02
C PHE B 141 4.43 -17.55 -1.31
N LEU B 142 4.49 -16.24 -1.29
CA LEU B 142 4.32 -15.44 -2.49
C LEU B 142 5.37 -15.76 -3.57
N LYS B 143 6.63 -15.96 -3.18
CA LYS B 143 7.69 -16.29 -4.11
C LYS B 143 7.44 -17.64 -4.81
N GLU B 144 6.65 -18.52 -4.18
CA GLU B 144 6.25 -19.79 -4.81
C GLU B 144 4.79 -19.84 -5.24
N ASP B 145 4.17 -18.65 -5.26
CA ASP B 145 2.79 -18.49 -5.67
C ASP B 145 1.84 -19.45 -4.92
N LEU B 146 2.02 -19.54 -3.60
CA LEU B 146 1.21 -20.42 -2.76
C LEU B 146 0.13 -19.68 -1.93
N ILE B 147 -0.15 -18.40 -2.22
CA ILE B 147 -1.18 -17.66 -1.49
C ILE B 147 -2.45 -17.60 -2.35
N ASP B 148 -3.58 -17.98 -1.77
CA ASP B 148 -4.85 -18.05 -2.49
C ASP B 148 -5.75 -16.89 -2.16
N GLU B 149 -5.71 -16.43 -0.92
CA GLU B 149 -6.55 -15.30 -0.47
C GLU B 149 -5.76 -14.39 0.44
N VAL B 151 -6.73 -10.98 3.01
CA VAL B 151 -7.61 -9.96 3.56
C VAL B 151 -6.71 -8.93 4.22
N ILE B 152 -6.55 -7.78 3.56
N ILE B 152 -6.54 -7.77 3.57
CA ILE B 152 -5.68 -6.71 4.05
CA ILE B 152 -5.66 -6.72 4.08
C ILE B 152 -6.53 -5.61 4.68
C ILE B 152 -6.49 -5.59 4.67
N THR B 153 -6.23 -5.26 5.94
CA THR B 153 -6.87 -4.17 6.65
C THR B 153 -5.85 -3.04 6.72
N ARG B 154 -6.15 -1.97 6.00
CA ARG B 154 -5.23 -0.90 5.79
C ARG B 154 -5.61 0.30 6.67
N PHE B 155 -4.63 0.72 7.46
CA PHE B 155 -4.74 1.85 8.41
C PHE B 155 -4.33 3.14 7.72
N PRO B 156 -5.00 4.26 8.04
CA PRO B 156 -4.74 5.54 7.35
C PRO B 156 -3.50 6.29 7.89
N ILE B 157 -2.36 5.62 7.91
CA ILE B 157 -1.19 6.20 8.53
C ILE B 157 0.04 5.85 7.69
N LEU B 158 0.84 6.84 7.33
CA LEU B 158 2.17 6.61 6.74
C LEU B 158 3.15 6.47 7.89
N LEU B 159 3.73 5.30 8.05
CA LEU B 159 4.71 5.06 9.12
C LEU B 159 6.11 5.60 8.76
N GLY B 160 6.41 5.64 7.46
CA GLY B 160 7.67 6.14 6.96
C GLY B 160 8.88 5.26 7.26
N GLY B 161 8.65 4.02 7.60
CA GLY B 161 9.70 3.08 8.02
C GLY B 161 9.03 1.94 8.78
N GLY B 162 9.74 0.80 8.85
CA GLY B 162 9.29 -0.39 9.56
C GLY B 162 9.59 -1.70 8.86
N VAL B 163 8.83 -2.71 9.23
CA VAL B 163 8.88 -4.04 8.64
C VAL B 163 7.86 -4.10 7.50
N PRO B 164 8.29 -4.26 6.24
CA PRO B 164 7.33 -4.36 5.15
C PRO B 164 6.53 -5.64 5.13
N LEU B 165 5.28 -5.57 4.67
CA LEU B 165 4.49 -6.77 4.33
C LEU B 165 5.07 -7.50 3.12
N PHE B 166 5.38 -6.74 2.07
CA PHE B 166 5.77 -7.33 0.81
C PHE B 166 7.23 -7.11 0.51
N GLY B 167 7.76 -7.98 -0.31
CA GLY B 167 9.15 -7.88 -0.75
C GLY B 167 9.24 -8.07 -2.25
N GLU B 168 10.29 -8.74 -2.67
CA GLU B 168 10.58 -8.94 -4.09
C GLU B 168 9.95 -10.20 -4.66
N LEU B 169 9.58 -10.11 -5.94
CA LEU B 169 9.10 -11.21 -6.69
C LEU B 169 9.88 -11.17 -8.00
N GLU B 170 10.19 -12.35 -8.54
N GLU B 170 10.11 -12.33 -8.59
CA GLU B 170 10.70 -12.49 -9.91
CA GLU B 170 10.75 -12.42 -9.90
C GLU B 170 9.70 -11.93 -10.91
C GLU B 170 9.73 -12.15 -11.03
N SER B 171 8.44 -12.31 -10.74
CA SER B 171 7.38 -11.88 -11.63
C SER B 171 6.09 -11.55 -10.86
N SER B 172 5.24 -10.73 -11.49
CA SER B 172 4.07 -10.20 -10.83
C SER B 172 3.02 -11.26 -10.54
N LEU B 173 2.18 -10.99 -9.54
CA LEU B 173 1.03 -11.85 -9.21
C LEU B 173 -0.29 -11.07 -9.21
N SER B 174 -1.26 -11.55 -9.97
CA SER B 174 -2.56 -10.88 -10.09
C SER B 174 -3.61 -11.49 -9.20
N PHE B 175 -4.49 -10.62 -8.71
CA PHE B 175 -5.61 -11.01 -7.83
C PHE B 175 -6.88 -10.40 -8.37
N ASN B 176 -8.00 -10.82 -7.83
CA ASN B 176 -9.30 -10.23 -8.03
C ASN B 176 -9.72 -9.62 -6.68
N VAL B 177 -10.29 -8.41 -6.68
CA VAL B 177 -10.97 -7.85 -5.49
C VAL B 177 -12.34 -8.53 -5.33
N ILE B 178 -12.50 -9.32 -4.28
CA ILE B 178 -13.77 -9.98 -3.98
C ILE B 178 -14.74 -9.06 -3.22
N LYS B 179 -14.20 -8.17 -2.41
CA LYS B 179 -14.94 -7.34 -1.50
C LYS B 179 -14.01 -6.29 -0.94
N SER B 180 -14.51 -5.07 -0.77
CA SER B 180 -13.80 -4.03 -0.05
C SER B 180 -14.76 -3.24 0.79
N GLU B 181 -14.37 -2.89 2.03
CA GLU B 181 -15.26 -2.07 2.87
C GLU B 181 -14.49 -1.31 3.90
N VAL B 182 -15.11 -0.27 4.41
CA VAL B 182 -14.56 0.54 5.48
C VAL B 182 -14.96 -0.16 6.79
N VAL B 183 -14.02 -0.42 7.68
CA VAL B 183 -14.34 -0.99 8.98
C VAL B 183 -13.85 -0.02 10.07
N LEU B 184 -14.62 0.10 11.14
CA LEU B 184 -14.35 1.03 12.24
C LEU B 184 -14.17 2.47 11.78
N ASP B 185 -14.92 2.86 10.76
CA ASP B 185 -14.86 4.22 10.16
C ASP B 185 -13.58 4.62 9.44
N SER B 186 -12.44 4.20 9.93
CA SER B 186 -11.18 4.70 9.42
C SER B 186 -10.31 3.66 8.73
N LEU B 187 -10.71 2.39 8.77
CA LEU B 187 -9.95 1.34 8.12
C LEU B 187 -10.60 0.87 6.82
N THR B 188 -9.81 0.52 5.82
CA THR B 188 -10.35 -0.20 4.66
C THR B 188 -9.96 -1.68 4.81
N GLN B 189 -10.85 -2.59 4.46
CA GLN B 189 -10.55 -4.03 4.50
C GLN B 189 -10.90 -4.66 3.16
N THR B 190 -9.89 -5.14 2.44
CA THR B 190 -10.10 -5.65 1.08
C THR B 190 -9.69 -7.10 1.03
N THR B 191 -10.53 -7.88 0.37
CA THR B 191 -10.34 -9.29 0.20
C THR B 191 -9.96 -9.54 -1.25
N TYR B 192 -8.78 -10.09 -1.42
CA TYR B 192 -8.18 -10.40 -2.71
C TYR B 192 -8.14 -11.93 -2.83
N HIS B 193 -8.61 -12.48 -3.96
CA HIS B 193 -8.38 -13.89 -4.32
C HIS B 193 -7.39 -13.94 -5.49
N ARG B 194 -6.49 -14.90 -5.47
CA ARG B 194 -5.53 -15.08 -6.53
C ARG B 194 -6.24 -15.48 -7.81
N LYS B 195 -5.88 -14.82 -8.90
CA LYS B 195 -6.52 -15.01 -10.20
C LYS B 195 -5.97 -16.30 -10.86
N ARG B 196 -6.78 -17.36 -10.84
CA ARG B 196 -6.37 -18.68 -11.32
C ARG B 196 -6.73 -18.89 -12.80
#